data_9F92
#
_entry.id   9F92
#
_cell.length_a   56.127
_cell.length_b   56.127
_cell.length_c   155.789
_cell.angle_alpha   90.00
_cell.angle_beta   90.00
_cell.angle_gamma   120.00
#
_symmetry.space_group_name_H-M   'P 32 2 1'
#
loop_
_entity.id
_entity.type
_entity.pdbx_description
1 polymer 'Trans-2,3-dihydro-3-hydroxyanthranilate isomerase'
2 non-polymer 'SULFATE ION'
3 non-polymer '2-azanyl-3-nitro-benzoic acid'
4 non-polymer (R,R)-2,3-BUTANEDIOL
5 water water
#
_entity_poly.entity_id   1
_entity_poly.type   'polypeptide(L)'
_entity_poly.pdbx_seq_one_letter_code
;MGSSHHHHHHSSGLVPRGSHMHNYVIIDAFASVPLEGNPVAVFFDADDLPPAQMQRIAREMNLSESTFVLKPRNGGDALI
RIFTPVNELPFAGHPLLGTAIALGAHTDNHRLYLETQMGTIAFELERQNGSVIAASMDQPIPTWTALGRDAELLKALGIS
DSTFPIEIYHNGPRHVFVGLPSIDALSALHPDHRALSNFHDMAINCFAGAGRRWRSRMFSPAYGVVEDAATGSAAGPLAI
HLARHGQIEFGQPVEILQGVEIGRPSLMFAKAEGRAEQLTRVEVSGNGVTFGRGTIVL
;
_entity_poly.pdbx_strand_id   A
#
# COMPACT_ATOMS: atom_id res chain seq x y z
N MET A 21 21.16 -20.15 3.43
CA MET A 21 19.74 -20.09 3.90
C MET A 21 19.37 -18.65 4.22
N HIS A 22 18.07 -18.38 4.33
CA HIS A 22 17.59 -17.04 4.65
C HIS A 22 16.45 -17.10 5.65
N ASN A 23 16.48 -16.18 6.60
CA ASN A 23 15.37 -15.98 7.51
C ASN A 23 14.37 -15.02 6.91
N TYR A 24 13.11 -15.24 7.24
CA TYR A 24 12.04 -14.35 6.81
C TYR A 24 11.02 -14.19 7.94
N VAL A 25 10.25 -13.11 7.83
CA VAL A 25 9.10 -12.92 8.69
CA VAL A 25 9.11 -12.86 8.70
C VAL A 25 7.92 -12.54 7.81
N ILE A 26 6.74 -12.96 8.25
CA ILE A 26 5.49 -12.58 7.62
CA ILE A 26 5.49 -12.58 7.62
C ILE A 26 4.86 -11.51 8.50
N ILE A 27 4.70 -10.32 7.94
CA ILE A 27 4.11 -9.18 8.63
C ILE A 27 2.73 -8.93 8.04
N ASP A 28 1.73 -8.81 8.91
CA ASP A 28 0.43 -8.30 8.51
C ASP A 28 0.46 -6.78 8.64
N ALA A 29 0.55 -6.12 7.49
CA ALA A 29 0.68 -4.66 7.46
C ALA A 29 -0.69 -3.99 7.53
N PHE A 30 -0.72 -2.83 8.18
CA PHE A 30 -1.94 -2.06 8.44
C PHE A 30 -2.90 -2.81 9.36
N ALA A 31 -2.35 -3.57 10.30
CA ALA A 31 -3.13 -4.25 11.31
C ALA A 31 -2.29 -4.40 12.57
N SER A 32 -2.98 -4.52 13.70
CA SER A 32 -2.32 -4.83 14.96
C SER A 32 -2.63 -6.24 15.44
N VAL A 33 -3.49 -6.95 14.72
CA VAL A 33 -3.96 -8.28 15.08
C VAL A 33 -3.59 -9.22 13.93
N PRO A 34 -2.95 -10.37 14.19
CA PRO A 34 -2.64 -11.29 13.08
C PRO A 34 -3.92 -11.76 12.39
N LEU A 35 -3.81 -12.02 11.08
CA LEU A 35 -4.90 -12.44 10.19
C LEU A 35 -5.79 -11.26 9.79
N GLU A 36 -5.44 -10.06 10.18
CA GLU A 36 -6.02 -8.83 9.66
C GLU A 36 -4.96 -8.13 8.82
N GLY A 37 -5.31 -6.99 8.22
CA GLY A 37 -4.32 -6.34 7.40
C GLY A 37 -3.94 -7.14 6.17
N ASN A 38 -2.79 -6.79 5.61
CA ASN A 38 -2.36 -7.29 4.31
C ASN A 38 -0.96 -7.88 4.44
N PRO A 39 -0.77 -9.18 4.22
CA PRO A 39 0.52 -9.82 4.48
CA PRO A 39 0.53 -9.79 4.50
C PRO A 39 1.63 -9.43 3.50
N VAL A 40 2.86 -9.45 4.00
CA VAL A 40 4.07 -9.35 3.19
C VAL A 40 5.12 -10.27 3.83
N ALA A 41 5.87 -10.98 3.00
CA ALA A 41 7.02 -11.75 3.46
C ALA A 41 8.27 -10.92 3.29
N VAL A 42 9.07 -10.81 4.34
CA VAL A 42 10.29 -10.00 4.35
C VAL A 42 11.47 -10.93 4.54
N PHE A 43 12.38 -10.96 3.58
CA PHE A 43 13.58 -11.81 3.59
C PHE A 43 14.82 -10.99 3.93
N PHE A 44 15.51 -11.42 4.97
CA PHE A 44 16.68 -10.71 5.48
C PHE A 44 17.97 -11.19 4.79
N ASP A 45 18.98 -10.31 4.81
CA ASP A 45 20.33 -10.67 4.38
C ASP A 45 20.33 -11.27 2.98
N ALA A 46 19.71 -10.56 2.05
CA ALA A 46 19.42 -11.11 0.73
C ALA A 46 20.46 -10.77 -0.33
N ASP A 47 21.62 -10.24 0.07
CA ASP A 47 22.62 -9.78 -0.88
C ASP A 47 23.21 -10.90 -1.73
N ASP A 48 23.10 -12.15 -1.30
CA ASP A 48 23.62 -13.28 -2.03
C ASP A 48 22.63 -13.85 -3.05
N LEU A 49 21.42 -13.29 -3.13
CA LEU A 49 20.38 -13.81 -4.02
C LEU A 49 20.37 -13.01 -5.30
N PRO A 50 20.59 -13.64 -6.46
CA PRO A 50 20.38 -12.93 -7.72
C PRO A 50 18.94 -12.54 -7.88
N PRO A 51 18.64 -11.50 -8.65
CA PRO A 51 17.24 -11.08 -8.80
C PRO A 51 16.34 -12.15 -9.37
N ALA A 52 16.84 -12.99 -10.27
CA ALA A 52 15.99 -14.06 -10.78
C ALA A 52 15.56 -15.00 -9.66
N GLN A 53 16.45 -15.24 -8.70
CA GLN A 53 16.11 -16.10 -7.57
C GLN A 53 15.12 -15.42 -6.62
N MET A 54 15.29 -14.11 -6.39
CA MET A 54 14.29 -13.36 -5.63
CA MET A 54 14.29 -13.38 -5.61
C MET A 54 12.91 -13.52 -6.25
N GLN A 55 12.83 -13.39 -7.58
CA GLN A 55 11.55 -13.54 -8.25
C GLN A 55 10.97 -14.94 -8.07
N ARG A 56 11.83 -15.97 -8.17
CA ARG A 56 11.35 -17.34 -7.96
CA ARG A 56 11.35 -17.34 -7.96
C ARG A 56 10.86 -17.55 -6.53
N ILE A 57 11.55 -16.95 -5.56
CA ILE A 57 11.11 -17.05 -4.15
C ILE A 57 9.77 -16.35 -3.97
N ALA A 58 9.60 -15.18 -4.56
CA ALA A 58 8.32 -14.48 -4.44
C ALA A 58 7.20 -15.32 -5.06
N ARG A 59 7.48 -16.00 -6.15
N ARG A 59 7.48 -15.99 -6.17
CA ARG A 59 6.47 -16.86 -6.75
CA ARG A 59 6.49 -16.88 -6.77
C ARG A 59 6.17 -18.05 -5.85
C ARG A 59 6.17 -18.05 -5.86
N GLU A 60 7.20 -18.65 -5.27
CA GLU A 60 7.01 -19.75 -4.31
C GLU A 60 6.10 -19.33 -3.16
N MET A 61 6.35 -18.14 -2.59
CA MET A 61 5.57 -17.70 -1.43
C MET A 61 4.15 -17.35 -1.83
N ASN A 62 3.97 -16.79 -3.03
CA ASN A 62 2.66 -16.44 -3.58
C ASN A 62 1.91 -15.40 -2.76
N LEU A 63 2.59 -14.67 -1.87
CA LEU A 63 1.94 -13.54 -1.23
C LEU A 63 1.91 -12.34 -2.18
N SER A 64 1.03 -11.39 -1.86
CA SER A 64 0.92 -10.16 -2.65
C SER A 64 2.29 -9.62 -3.02
N GLU A 65 3.18 -9.55 -2.04
CA GLU A 65 4.57 -9.22 -2.30
C GLU A 65 5.46 -9.93 -1.31
N SER A 66 6.68 -10.22 -1.76
CA SER A 66 7.81 -10.56 -0.92
C SER A 66 8.85 -9.47 -1.11
N THR A 67 9.50 -9.07 -0.04
CA THR A 67 10.56 -8.07 -0.13
C THR A 67 11.86 -8.69 0.34
N PHE A 68 12.95 -8.07 -0.10
CA PHE A 68 14.30 -8.57 0.12
C PHE A 68 15.16 -7.42 0.60
N VAL A 69 15.84 -7.63 1.73
CA VAL A 69 16.61 -6.58 2.41
C VAL A 69 18.07 -6.70 1.97
N LEU A 70 18.57 -5.63 1.35
CA LEU A 70 19.91 -5.58 0.79
CA LEU A 70 19.91 -5.58 0.80
C LEU A 70 20.69 -4.42 1.41
N LYS A 71 22.01 -4.49 1.29
CA LYS A 71 22.86 -3.40 1.74
C LYS A 71 22.54 -2.14 0.94
N PRO A 72 22.63 -0.97 1.57
CA PRO A 72 22.27 0.26 0.87
C PRO A 72 23.31 0.63 -0.17
N ARG A 73 22.86 1.36 -1.18
CA ARG A 73 23.70 1.81 -2.27
C ARG A 73 23.86 3.33 -2.35
N ASN A 74 23.09 4.08 -1.57
CA ASN A 74 23.06 5.55 -1.66
C ASN A 74 22.83 6.19 -0.29
N GLY A 75 23.47 5.68 0.74
CA GLY A 75 23.37 6.40 2.02
C GLY A 75 22.12 6.16 2.86
N GLY A 76 21.15 5.36 2.41
CA GLY A 76 20.09 4.89 3.29
C GLY A 76 20.60 3.80 4.22
N ASP A 77 19.66 3.21 4.96
CA ASP A 77 19.98 2.12 5.88
C ASP A 77 19.95 0.76 5.20
N ALA A 78 19.11 0.61 4.20
CA ALA A 78 18.98 -0.66 3.48
C ALA A 78 18.34 -0.33 2.14
N LEU A 79 18.58 -1.21 1.18
CA LEU A 79 17.90 -1.20 -0.12
C LEU A 79 16.87 -2.32 -0.12
N ILE A 80 15.63 -2.00 -0.43
CA ILE A 80 14.56 -2.98 -0.42
C ILE A 80 14.09 -3.24 -1.84
N ARG A 81 14.14 -4.51 -2.26
CA ARG A 81 13.54 -4.92 -3.53
C ARG A 81 12.21 -5.62 -3.27
N ILE A 82 11.21 -5.26 -4.06
CA ILE A 82 9.82 -5.63 -3.86
C ILE A 82 9.36 -6.46 -5.05
N PHE A 83 8.87 -7.67 -4.81
CA PHE A 83 8.42 -8.55 -5.88
C PHE A 83 7.01 -9.05 -5.62
N THR A 84 6.13 -8.93 -6.60
CA THR A 84 4.93 -9.75 -6.61
C THR A 84 5.33 -11.14 -7.05
N PRO A 85 4.40 -12.09 -7.09
CA PRO A 85 4.73 -13.42 -7.62
C PRO A 85 5.18 -13.42 -9.07
N VAL A 86 4.97 -12.32 -9.81
CA VAL A 86 5.27 -12.29 -11.24
CA VAL A 86 5.21 -12.26 -11.25
C VAL A 86 6.27 -11.23 -11.65
N ASN A 87 6.36 -10.09 -10.94
CA ASN A 87 7.18 -8.97 -11.39
CA ASN A 87 7.21 -9.00 -11.37
C ASN A 87 7.75 -8.21 -10.20
N GLU A 88 8.84 -7.50 -10.44
CA GLU A 88 9.38 -6.55 -9.49
C GLU A 88 8.61 -5.24 -9.59
N LEU A 89 8.43 -4.58 -8.44
CA LEU A 89 7.76 -3.29 -8.36
C LEU A 89 8.72 -2.22 -7.88
N PRO A 90 8.54 -0.97 -8.32
CA PRO A 90 9.45 0.10 -7.86
C PRO A 90 9.07 0.67 -6.51
N PHE A 91 7.83 0.52 -6.09
CA PHE A 91 7.31 1.10 -4.86
C PHE A 91 6.00 0.40 -4.55
N ALA A 92 5.73 0.18 -3.27
CA ALA A 92 4.47 -0.40 -2.83
C ALA A 92 4.32 -0.09 -1.34
N GLY A 93 3.12 0.31 -0.94
CA GLY A 93 2.89 0.77 0.41
C GLY A 93 2.92 -0.28 1.50
N HIS A 94 1.99 -1.23 1.46
CA HIS A 94 1.96 -2.24 2.52
C HIS A 94 3.25 -3.07 2.56
N PRO A 95 3.88 -3.41 1.44
CA PRO A 95 5.14 -4.17 1.54
C PRO A 95 6.24 -3.39 2.22
N LEU A 96 6.34 -2.09 1.92
CA LEU A 96 7.40 -1.29 2.55
C LEU A 96 7.11 -1.03 4.01
N LEU A 97 5.83 -0.79 4.36
CA LEU A 97 5.48 -0.67 5.77
C LEU A 97 5.85 -1.93 6.53
N GLY A 98 5.48 -3.09 5.99
CA GLY A 98 5.81 -4.33 6.67
C GLY A 98 7.31 -4.54 6.78
N THR A 99 8.05 -4.16 5.75
CA THR A 99 9.51 -4.26 5.77
C THR A 99 10.10 -3.39 6.86
N ALA A 100 9.62 -2.15 6.99
CA ALA A 100 10.14 -1.25 8.02
C ALA A 100 9.86 -1.81 9.40
N ILE A 101 8.68 -2.38 9.60
CA ILE A 101 8.32 -2.95 10.89
C ILE A 101 9.17 -4.18 11.19
N ALA A 102 9.39 -5.05 10.20
CA ALA A 102 10.24 -6.22 10.38
C ALA A 102 11.69 -5.83 10.68
N LEU A 103 12.23 -4.89 9.90
CA LEU A 103 13.62 -4.49 10.08
CA LEU A 103 13.63 -4.51 10.08
C LEU A 103 13.82 -3.71 11.37
N GLY A 104 12.80 -2.98 11.79
CA GLY A 104 12.92 -2.20 13.01
C GLY A 104 13.20 -3.05 14.22
N ALA A 105 12.88 -4.34 14.16
CA ALA A 105 13.21 -5.25 15.24
C ALA A 105 14.71 -5.46 15.40
N HIS A 106 15.51 -5.05 14.41
CA HIS A 106 16.94 -5.34 14.38
C HIS A 106 17.79 -4.08 14.42
N THR A 107 17.19 -2.96 14.82
CA THR A 107 17.91 -1.71 14.98
C THR A 107 17.29 -0.98 16.16
N ASP A 108 18.07 -0.04 16.71
CA ASP A 108 17.59 0.87 17.72
C ASP A 108 17.20 2.22 17.16
N ASN A 109 17.37 2.42 15.85
CA ASN A 109 17.15 3.73 15.27
C ASN A 109 15.69 4.13 15.33
N HIS A 110 15.45 5.43 15.52
CA HIS A 110 14.09 5.95 15.61
C HIS A 110 13.43 6.01 14.24
N ARG A 111 14.23 6.17 13.19
CA ARG A 111 13.74 6.18 11.83
C ARG A 111 14.64 5.31 10.97
N LEU A 112 14.06 4.89 9.86
CA LEU A 112 14.71 3.98 8.92
CA LEU A 112 14.73 4.00 8.93
C LEU A 112 14.59 4.60 7.54
N TYR A 113 15.68 4.64 6.81
CA TYR A 113 15.70 5.15 5.44
C TYR A 113 15.84 3.95 4.50
N LEU A 114 14.77 3.63 3.79
CA LEU A 114 14.73 2.46 2.92
C LEU A 114 14.82 2.91 1.46
N GLU A 115 15.89 2.50 0.79
CA GLU A 115 16.09 2.81 -0.62
C GLU A 115 15.21 1.92 -1.48
N THR A 116 14.64 2.51 -2.53
CA THR A 116 13.82 1.83 -3.50
C THR A 116 14.13 2.40 -4.88
N GLN A 117 13.58 1.78 -5.92
CA GLN A 117 13.71 2.32 -7.26
C GLN A 117 13.19 3.75 -7.36
N MET A 118 12.23 4.14 -6.51
CA MET A 118 11.71 5.50 -6.56
CA MET A 118 11.65 5.47 -6.48
C MET A 118 12.45 6.47 -5.65
N GLY A 119 13.54 6.03 -5.03
CA GLY A 119 14.31 6.86 -4.14
C GLY A 119 14.25 6.35 -2.71
N THR A 120 14.85 7.13 -1.82
CA THR A 120 14.98 6.73 -0.43
C THR A 120 13.78 7.24 0.34
N ILE A 121 13.05 6.30 0.95
CA ILE A 121 11.80 6.55 1.66
C ILE A 121 12.09 6.58 3.15
N ALA A 122 11.69 7.65 3.81
CA ALA A 122 11.87 7.79 5.25
C ALA A 122 10.71 7.16 6.01
N PHE A 123 11.04 6.32 6.98
N PHE A 123 11.05 6.34 7.02
CA PHE A 123 10.06 5.80 7.92
CA PHE A 123 10.08 5.60 7.84
C PHE A 123 10.36 6.35 9.30
C PHE A 123 10.32 5.86 9.33
N GLU A 124 9.31 6.55 10.08
N GLU A 124 9.42 6.61 9.96
CA GLU A 124 9.41 6.82 11.50
CA GLU A 124 9.47 6.76 11.40
C GLU A 124 8.84 5.61 12.23
C GLU A 124 8.94 5.48 12.05
N LEU A 125 9.67 4.96 13.04
CA LEU A 125 9.29 3.74 13.72
C LEU A 125 8.68 4.03 15.08
N GLU A 126 7.62 3.32 15.41
CA GLU A 126 6.91 3.48 16.68
C GLU A 126 7.05 2.17 17.46
N ARG A 127 7.65 2.24 18.65
CA ARG A 127 7.94 1.06 19.44
C ARG A 127 7.22 1.07 20.78
N GLN A 128 7.03 -0.12 21.34
CA GLN A 128 6.73 -0.29 22.75
C GLN A 128 7.61 -1.41 23.27
N ASN A 129 8.48 -1.08 24.23
CA ASN A 129 9.39 -2.06 24.83
C ASN A 129 10.20 -2.81 23.77
N GLY A 130 10.73 -2.05 22.81
CA GLY A 130 11.62 -2.60 21.81
C GLY A 130 10.93 -3.19 20.61
N SER A 131 9.64 -3.48 20.70
CA SER A 131 8.88 -4.05 19.59
C SER A 131 8.36 -2.91 18.73
N VAL A 132 8.59 -3.00 17.43
CA VAL A 132 8.04 -2.00 16.51
C VAL A 132 6.60 -2.39 16.24
N ILE A 133 5.66 -1.52 16.60
CA ILE A 133 4.23 -1.78 16.44
C ILE A 133 3.59 -0.99 15.32
N ALA A 134 4.25 0.03 14.79
CA ALA A 134 3.68 0.87 13.74
C ALA A 134 4.81 1.63 13.09
N ALA A 135 4.52 2.22 11.93
CA ALA A 135 5.47 3.10 11.29
C ALA A 135 4.72 4.05 10.38
N SER A 136 5.39 5.16 10.06
CA SER A 136 4.87 6.17 9.15
CA SER A 136 4.86 6.16 9.15
C SER A 136 5.87 6.38 8.04
N MET A 137 5.40 6.51 6.82
CA MET A 137 6.25 6.67 5.65
C MET A 137 5.91 7.95 4.89
N ASP A 138 6.93 8.57 4.34
N ASP A 138 6.90 8.54 4.23
CA ASP A 138 6.72 9.46 3.22
CA ASP A 138 6.69 9.67 3.31
C ASP A 138 6.34 8.60 2.01
C ASP A 138 6.67 9.14 1.88
N GLN A 139 5.56 9.20 1.13
N GLN A 139 5.50 9.18 1.22
CA GLN A 139 5.22 8.56 -0.13
CA GLN A 139 5.32 8.58 -0.08
C GLN A 139 5.59 9.50 -1.27
C GLN A 139 5.74 9.50 -1.22
N PRO A 140 5.94 8.94 -2.42
CA PRO A 140 6.09 9.77 -3.61
C PRO A 140 4.86 10.65 -3.79
N ILE A 141 5.08 11.88 -4.21
CA ILE A 141 3.98 12.80 -4.46
CA ILE A 141 4.01 12.84 -4.49
C ILE A 141 3.29 12.39 -5.75
N PRO A 142 1.99 12.11 -5.71
CA PRO A 142 1.33 11.63 -6.92
CA PRO A 142 1.31 11.64 -6.92
C PRO A 142 1.01 12.76 -7.90
N THR A 143 0.68 12.34 -9.11
CA THR A 143 0.04 13.15 -10.13
C THR A 143 -1.35 12.57 -10.39
N TRP A 144 -2.22 13.32 -11.07
CA TRP A 144 -3.60 12.89 -11.23
C TRP A 144 -4.25 13.60 -12.41
N THR A 145 -5.31 12.98 -12.92
CA THR A 145 -6.09 13.53 -14.01
C THR A 145 -7.43 12.81 -14.00
N ALA A 146 -8.39 13.36 -14.76
CA ALA A 146 -9.67 12.67 -14.91
C ALA A 146 -9.47 11.36 -15.65
N LEU A 147 -10.18 10.32 -15.19
CA LEU A 147 -10.11 9.03 -15.86
C LEU A 147 -10.64 9.11 -17.28
N GLY A 148 -11.80 9.76 -17.47
CA GLY A 148 -12.37 9.89 -18.80
C GLY A 148 -13.07 8.65 -19.32
N ARG A 149 -13.39 7.70 -18.47
CA ARG A 149 -14.08 6.46 -18.83
C ARG A 149 -15.20 6.18 -17.83
N ASP A 150 -15.90 7.24 -17.43
CA ASP A 150 -16.78 7.15 -16.27
C ASP A 150 -17.93 6.17 -16.51
N ALA A 151 -18.61 6.29 -17.64
CA ALA A 151 -19.76 5.42 -17.88
C ALA A 151 -19.35 3.96 -17.86
N GLU A 152 -18.22 3.65 -18.51
CA GLU A 152 -17.72 2.27 -18.53
C GLU A 152 -17.42 1.76 -17.12
N LEU A 153 -16.73 2.59 -16.33
CA LEU A 153 -16.33 2.13 -14.99
C LEU A 153 -17.55 1.99 -14.09
N LEU A 154 -18.46 2.96 -14.13
CA LEU A 154 -19.66 2.89 -13.29
C LEU A 154 -20.48 1.66 -13.65
N LYS A 155 -20.59 1.34 -14.94
CA LYS A 155 -21.31 0.14 -15.32
C LYS A 155 -20.64 -1.11 -14.76
N ALA A 156 -19.30 -1.17 -14.83
CA ALA A 156 -18.57 -2.31 -14.28
C ALA A 156 -18.80 -2.44 -12.79
N LEU A 157 -18.92 -1.31 -12.09
CA LEU A 157 -19.14 -1.35 -10.65
C LEU A 157 -20.59 -1.59 -10.28
N GLY A 158 -21.52 -1.44 -11.22
CA GLY A 158 -22.92 -1.67 -10.96
C GLY A 158 -23.66 -0.48 -10.37
N ILE A 159 -23.18 0.75 -10.57
CA ILE A 159 -23.79 1.95 -10.00
C ILE A 159 -23.97 3.00 -11.11
N SER A 160 -24.80 3.99 -10.82
CA SER A 160 -25.15 5.00 -11.82
C SER A 160 -24.20 6.18 -11.87
N ASP A 161 -23.59 6.56 -10.75
CA ASP A 161 -22.81 7.79 -10.67
C ASP A 161 -21.86 7.68 -9.50
N SER A 162 -20.84 8.54 -9.52
CA SER A 162 -19.95 8.78 -8.40
C SER A 162 -20.43 10.02 -7.67
N THR A 163 -20.02 10.15 -6.41
CA THR A 163 -20.19 11.40 -5.68
CA THR A 163 -20.19 11.40 -5.68
C THR A 163 -19.21 12.44 -6.21
N PHE A 164 -17.95 12.22 -6.02
CA PHE A 164 -16.87 13.11 -6.40
C PHE A 164 -16.28 12.74 -7.77
N PRO A 165 -15.54 13.64 -8.40
CA PRO A 165 -14.99 13.35 -9.73
C PRO A 165 -14.17 12.07 -9.74
N ILE A 166 -14.29 11.32 -10.84
CA ILE A 166 -13.56 10.05 -10.99
C ILE A 166 -12.20 10.41 -11.57
N GLU A 167 -11.18 10.38 -10.73
CA GLU A 167 -9.84 10.75 -11.13
C GLU A 167 -8.88 9.61 -10.83
N ILE A 168 -7.82 9.53 -11.64
CA ILE A 168 -6.81 8.49 -11.54
C ILE A 168 -5.50 9.15 -11.14
N TYR A 169 -4.87 8.58 -10.10
CA TYR A 169 -3.65 9.07 -9.50
C TYR A 169 -2.51 8.11 -9.79
N HIS A 170 -1.30 8.66 -9.91
CA HIS A 170 -0.11 7.86 -10.20
CA HIS A 170 -0.10 7.89 -10.23
C HIS A 170 0.99 8.20 -9.21
N ASN A 171 1.50 7.16 -8.54
CA ASN A 171 2.64 7.29 -7.64
C ASN A 171 3.51 6.04 -7.73
N GLY A 172 3.56 5.43 -8.90
CA GLY A 172 4.12 4.13 -9.11
C GLY A 172 3.02 3.32 -9.75
N PRO A 173 2.15 2.72 -8.93
CA PRO A 173 0.87 2.21 -9.45
C PRO A 173 -0.04 3.36 -9.82
N ARG A 174 -1.19 3.02 -10.42
CA ARG A 174 -2.26 3.97 -10.64
C ARG A 174 -3.50 3.55 -9.89
N HIS A 175 -4.15 4.53 -9.27
CA HIS A 175 -5.33 4.34 -8.44
C HIS A 175 -6.42 5.30 -8.87
N VAL A 176 -7.56 4.73 -9.24
CA VAL A 176 -8.77 5.50 -9.54
C VAL A 176 -9.64 5.53 -8.30
N PHE A 177 -10.34 6.65 -8.09
CA PHE A 177 -11.22 6.82 -6.95
C PHE A 177 -12.64 7.08 -7.40
N VAL A 178 -13.57 6.27 -6.90
CA VAL A 178 -15.00 6.38 -7.13
C VAL A 178 -15.68 6.52 -5.76
N GLY A 179 -16.46 7.57 -5.59
CA GLY A 179 -17.10 7.85 -4.31
C GLY A 179 -18.54 7.36 -4.26
N LEU A 180 -18.89 6.78 -3.11
CA LEU A 180 -20.19 6.24 -2.84
C LEU A 180 -20.88 7.09 -1.78
N PRO A 181 -22.20 7.16 -1.79
CA PRO A 181 -22.91 8.11 -0.92
C PRO A 181 -23.07 7.66 0.52
N SER A 182 -22.73 6.42 0.82
CA SER A 182 -22.84 5.92 2.19
C SER A 182 -21.96 4.69 2.31
N ILE A 183 -21.61 4.36 3.55
CA ILE A 183 -20.84 3.15 3.79
C ILE A 183 -21.65 1.92 3.39
N ASP A 184 -22.96 1.95 3.63
CA ASP A 184 -23.78 0.82 3.25
C ASP A 184 -23.78 0.62 1.74
N ALA A 185 -23.81 1.71 0.97
CA ALA A 185 -23.73 1.58 -0.48
C ALA A 185 -22.39 1.01 -0.93
N LEU A 186 -21.31 1.39 -0.25
CA LEU A 186 -20.00 0.83 -0.54
C LEU A 186 -19.99 -0.68 -0.30
N SER A 187 -20.51 -1.11 0.84
CA SER A 187 -20.51 -2.53 1.15
C SER A 187 -21.38 -3.32 0.18
N ALA A 188 -22.40 -2.70 -0.39
CA ALA A 188 -23.31 -3.39 -1.29
C ALA A 188 -22.73 -3.61 -2.67
N LEU A 189 -21.62 -2.95 -3.03
CA LEU A 189 -21.06 -3.14 -4.36
C LEU A 189 -20.73 -4.61 -4.63
N HIS A 190 -21.07 -5.06 -5.82
CA HIS A 190 -20.71 -6.38 -6.34
C HIS A 190 -20.22 -6.15 -7.76
N PRO A 191 -18.96 -5.72 -7.93
CA PRO A 191 -18.50 -5.35 -9.27
CA PRO A 191 -18.49 -5.36 -9.27
C PRO A 191 -18.42 -6.54 -10.21
N ASP A 192 -18.52 -6.23 -11.50
CA ASP A 192 -18.32 -7.20 -12.58
C ASP A 192 -16.82 -7.25 -12.83
N HIS A 193 -16.15 -8.27 -12.28
CA HIS A 193 -14.69 -8.29 -12.37
C HIS A 193 -14.22 -8.46 -13.82
N ARG A 194 -15.01 -9.12 -14.66
CA ARG A 194 -14.63 -9.21 -16.07
C ARG A 194 -14.66 -7.84 -16.73
N ALA A 195 -15.69 -7.03 -16.44
CA ALA A 195 -15.73 -5.68 -16.98
C ALA A 195 -14.59 -4.83 -16.43
N LEU A 196 -14.20 -5.03 -15.17
CA LEU A 196 -13.08 -4.28 -14.60
C LEU A 196 -11.76 -4.64 -15.25
N SER A 197 -11.64 -5.84 -15.84
CA SER A 197 -10.37 -6.22 -16.45
CA SER A 197 -10.39 -6.25 -16.48
C SER A 197 -10.03 -5.38 -17.66
N ASN A 198 -10.98 -4.63 -18.22
CA ASN A 198 -10.66 -3.72 -19.31
C ASN A 198 -9.93 -2.47 -18.82
N PHE A 199 -9.74 -2.31 -17.51
CA PHE A 199 -9.00 -1.18 -16.93
C PHE A 199 -7.59 -1.67 -16.61
N HIS A 200 -6.65 -1.33 -17.49
CA HIS A 200 -5.28 -1.84 -17.41
C HIS A 200 -4.40 -0.92 -16.58
N ASP A 201 -3.37 -1.51 -15.96
CA ASP A 201 -2.39 -0.79 -15.15
C ASP A 201 -3.05 0.20 -14.19
N MET A 202 -4.03 -0.30 -13.44
CA MET A 202 -4.65 0.52 -12.41
C MET A 202 -5.44 -0.34 -11.45
N ALA A 203 -5.71 0.23 -10.29
CA ALA A 203 -6.62 -0.32 -9.30
C ALA A 203 -7.78 0.63 -9.13
N ILE A 204 -8.96 0.07 -8.83
CA ILE A 204 -10.19 0.82 -8.64
C ILE A 204 -10.49 0.86 -7.15
N ASN A 205 -10.49 2.06 -6.59
CA ASN A 205 -10.70 2.27 -5.17
C ASN A 205 -12.02 3.00 -4.98
N CYS A 206 -12.95 2.35 -4.31
CA CYS A 206 -14.27 2.91 -4.01
C CYS A 206 -14.30 3.30 -2.54
N PHE A 207 -14.86 4.47 -2.24
CA PHE A 207 -14.76 5.00 -0.89
C PHE A 207 -16.06 5.67 -0.46
N ALA A 208 -16.20 5.78 0.86
CA ALA A 208 -17.34 6.47 1.45
C ALA A 208 -16.94 6.87 2.87
N GLY A 209 -17.63 7.86 3.41
CA GLY A 209 -17.32 8.29 4.77
C GLY A 209 -17.62 9.76 4.94
N ALA A 210 -16.96 10.35 5.95
CA ALA A 210 -17.17 11.75 6.31
C ALA A 210 -16.13 12.15 7.34
N GLY A 211 -15.72 13.41 7.29
CA GLY A 211 -14.86 13.93 8.35
C GLY A 211 -13.53 13.22 8.34
N ARG A 212 -13.16 12.73 9.51
CA ARG A 212 -11.89 12.05 9.70
C ARG A 212 -11.93 10.59 9.24
N ARG A 213 -13.11 9.97 9.10
CA ARG A 213 -13.23 8.52 9.01
C ARG A 213 -13.82 8.10 7.66
N TRP A 214 -13.08 7.29 6.93
CA TRP A 214 -13.42 6.86 5.59
C TRP A 214 -13.29 5.34 5.52
N ARG A 215 -14.07 4.75 4.64
CA ARG A 215 -14.01 3.35 4.28
C ARG A 215 -13.66 3.20 2.82
N SER A 216 -12.92 2.15 2.47
CA SER A 216 -12.51 1.90 1.11
CA SER A 216 -12.59 1.91 1.09
C SER A 216 -12.63 0.41 0.79
N ARG A 217 -12.84 0.15 -0.48
CA ARG A 217 -12.70 -1.18 -1.07
C ARG A 217 -11.91 -1.01 -2.36
N MET A 218 -10.96 -1.91 -2.62
CA MET A 218 -10.14 -1.85 -3.82
C MET A 218 -10.25 -3.14 -4.61
N PHE A 219 -10.39 -2.98 -5.93
CA PHE A 219 -10.50 -4.09 -6.88
C PHE A 219 -9.50 -3.84 -8.00
N SER A 220 -8.73 -4.88 -8.39
CA SER A 220 -7.80 -4.68 -9.51
C SER A 220 -7.43 -5.95 -10.26
N PRO A 221 -8.20 -6.31 -11.28
CA PRO A 221 -7.72 -7.39 -12.17
C PRO A 221 -6.32 -7.14 -12.69
N ALA A 222 -5.99 -5.89 -13.01
CA ALA A 222 -4.70 -5.60 -13.61
C ALA A 222 -3.56 -5.97 -12.68
N TYR A 223 -3.75 -5.79 -11.38
CA TYR A 223 -2.71 -6.05 -10.40
C TYR A 223 -2.90 -7.40 -9.72
N GLY A 224 -3.80 -8.24 -10.23
CA GLY A 224 -3.97 -9.59 -9.71
C GLY A 224 -4.73 -9.70 -8.42
N VAL A 225 -5.60 -8.74 -8.14
CA VAL A 225 -6.28 -8.59 -6.85
C VAL A 225 -7.77 -8.57 -7.12
N VAL A 226 -8.49 -9.60 -6.68
CA VAL A 226 -9.95 -9.52 -6.77
C VAL A 226 -10.48 -8.39 -5.89
N GLU A 227 -10.14 -8.43 -4.61
CA GLU A 227 -10.40 -7.34 -3.68
C GLU A 227 -9.29 -7.30 -2.65
N ASP A 228 -8.70 -6.14 -2.45
CA ASP A 228 -7.50 -6.03 -1.62
C ASP A 228 -7.86 -5.74 -0.17
N ALA A 229 -6.96 -6.13 0.73
CA ALA A 229 -7.12 -5.82 2.16
C ALA A 229 -6.72 -4.39 2.49
N ALA A 230 -5.55 -3.96 2.06
CA ALA A 230 -4.99 -2.66 2.45
C ALA A 230 -4.11 -2.17 1.32
N THR A 231 -4.55 -1.13 0.63
CA THR A 231 -3.88 -0.59 -0.54
C THR A 231 -3.14 0.67 -0.08
N GLY A 232 -1.95 0.46 0.47
CA GLY A 232 -1.23 1.56 1.11
C GLY A 232 -0.86 2.69 0.15
N SER A 233 -0.53 2.36 -1.10
CA SER A 233 -0.22 3.37 -2.10
C SER A 233 -1.45 4.15 -2.55
N ALA A 234 -2.66 3.71 -2.21
CA ALA A 234 -3.86 4.48 -2.51
C ALA A 234 -4.24 5.42 -1.38
N ALA A 235 -3.68 5.25 -0.17
CA ALA A 235 -4.09 6.04 0.98
C ALA A 235 -3.68 7.50 0.82
N GLY A 236 -2.44 7.75 0.39
CA GLY A 236 -1.98 9.10 0.17
C GLY A 236 -2.80 9.81 -0.88
N PRO A 237 -2.96 9.19 -2.05
CA PRO A 237 -3.85 9.77 -3.08
C PRO A 237 -5.25 10.04 -2.56
N LEU A 238 -5.83 9.14 -1.75
CA LEU A 238 -7.18 9.39 -1.25
C LEU A 238 -7.22 10.66 -0.40
N ALA A 239 -6.23 10.86 0.46
CA ALA A 239 -6.19 12.08 1.25
C ALA A 239 -6.15 13.31 0.36
N ILE A 240 -5.35 13.27 -0.71
CA ILE A 240 -5.30 14.38 -1.67
C ILE A 240 -6.66 14.59 -2.32
N HIS A 241 -7.28 13.50 -2.74
CA HIS A 241 -8.58 13.55 -3.40
C HIS A 241 -9.63 14.20 -2.49
N LEU A 242 -9.68 13.77 -1.23
CA LEU A 242 -10.64 14.32 -0.30
C LEU A 242 -10.38 15.80 -0.03
N ALA A 243 -9.11 16.20 0.03
CA ALA A 243 -8.80 17.61 0.26
C ALA A 243 -9.15 18.45 -0.96
N ARG A 244 -8.78 17.99 -2.15
CA ARG A 244 -9.11 18.72 -3.36
C ARG A 244 -10.60 18.94 -3.49
N HIS A 245 -11.40 17.92 -3.13
CA HIS A 245 -12.85 17.97 -3.31
C HIS A 245 -13.58 18.41 -2.05
N GLY A 246 -12.87 19.04 -1.11
CA GLY A 246 -13.49 19.84 -0.07
C GLY A 246 -14.00 19.05 1.10
N GLN A 247 -13.64 17.78 1.24
CA GLN A 247 -14.12 16.98 2.36
CA GLN A 247 -14.12 16.97 2.35
C GLN A 247 -13.22 17.06 3.58
N ILE A 248 -11.95 17.36 3.39
CA ILE A 248 -10.97 17.63 4.43
C ILE A 248 -10.12 18.77 3.91
N GLU A 249 -9.23 19.27 4.76
CA GLU A 249 -8.23 20.24 4.34
C GLU A 249 -6.89 19.55 4.13
N PHE A 250 -6.05 20.16 3.29
CA PHE A 250 -4.67 19.75 3.28
C PHE A 250 -4.08 19.96 4.66
N GLY A 251 -3.29 19.00 5.11
CA GLY A 251 -2.71 19.03 6.44
C GLY A 251 -3.52 18.31 7.50
N GLN A 252 -4.70 17.82 7.18
CA GLN A 252 -5.53 17.10 8.12
C GLN A 252 -5.44 15.61 7.85
N PRO A 253 -5.25 14.78 8.86
CA PRO A 253 -5.14 13.33 8.63
C PRO A 253 -6.51 12.68 8.57
N VAL A 254 -6.56 11.58 7.81
CA VAL A 254 -7.75 10.74 7.77
C VAL A 254 -7.39 9.32 8.18
N GLU A 255 -8.38 8.61 8.70
CA GLU A 255 -8.31 7.18 9.01
C GLU A 255 -9.14 6.47 7.96
N ILE A 256 -8.53 5.56 7.24
CA ILE A 256 -9.16 4.81 6.16
C ILE A 256 -9.22 3.34 6.57
N LEU A 257 -10.41 2.80 6.64
CA LEU A 257 -10.65 1.41 6.99
C LEU A 257 -11.00 0.66 5.71
N GLN A 258 -10.19 -0.32 5.37
CA GLN A 258 -10.33 -1.10 4.16
C GLN A 258 -10.43 -2.57 4.52
N GLY A 259 -10.99 -3.37 3.61
CA GLY A 259 -10.92 -4.81 3.74
C GLY A 259 -11.97 -5.44 4.64
N VAL A 260 -12.95 -4.67 5.12
CA VAL A 260 -13.94 -5.19 6.06
C VAL A 260 -14.76 -6.30 5.41
N GLU A 261 -15.22 -6.06 4.18
CA GLU A 261 -16.12 -6.97 3.50
C GLU A 261 -15.46 -8.32 3.21
N ILE A 262 -14.14 -8.37 3.11
CA ILE A 262 -13.41 -9.61 2.84
C ILE A 262 -12.78 -10.20 4.12
N GLY A 263 -13.09 -9.65 5.28
CA GLY A 263 -12.57 -10.21 6.52
C GLY A 263 -11.11 -9.93 6.81
N ARG A 264 -10.56 -8.87 6.22
CA ARG A 264 -9.17 -8.48 6.46
C ARG A 264 -9.16 -6.99 6.78
N PRO A 265 -9.83 -6.58 7.86
CA PRO A 265 -9.89 -5.14 8.17
C PRO A 265 -8.50 -4.59 8.35
N SER A 266 -8.29 -3.40 7.78
CA SER A 266 -7.00 -2.73 7.71
C SER A 266 -7.21 -1.26 7.95
N LEU A 267 -6.39 -0.67 8.80
CA LEU A 267 -6.47 0.76 9.10
C LEU A 267 -5.26 1.46 8.52
N MET A 268 -5.49 2.42 7.65
CA MET A 268 -4.44 3.23 7.07
C MET A 268 -4.70 4.68 7.45
N PHE A 269 -3.66 5.40 7.85
CA PHE A 269 -3.77 6.81 8.17
C PHE A 269 -2.98 7.61 7.16
N ALA A 270 -3.56 8.70 6.67
CA ALA A 270 -2.93 9.45 5.61
C ALA A 270 -3.13 10.95 5.78
N LYS A 271 -2.15 11.70 5.31
CA LYS A 271 -2.19 13.16 5.37
C LYS A 271 -1.38 13.70 4.20
N ALA A 272 -1.88 14.75 3.57
CA ALA A 272 -1.17 15.41 2.48
C ALA A 272 -1.00 16.88 2.83
N GLU A 273 0.23 17.36 2.82
CA GLU A 273 0.57 18.70 3.23
C GLU A 273 0.81 19.58 2.01
N GLY A 274 0.41 20.85 2.14
CA GLY A 274 0.62 21.84 1.11
C GLY A 274 -0.70 22.27 0.50
N ARG A 275 -0.74 22.31 -0.83
CA ARG A 275 -1.95 22.57 -1.59
C ARG A 275 -1.85 21.75 -2.86
N ALA A 276 -2.95 21.65 -3.60
CA ALA A 276 -2.97 20.72 -4.72
C ALA A 276 -1.87 21.00 -5.71
N GLU A 277 -1.59 22.29 -5.95
CA GLU A 277 -0.60 22.74 -6.92
C GLU A 277 0.81 22.68 -6.39
N GLN A 278 0.99 22.51 -5.09
CA GLN A 278 2.30 22.49 -4.47
C GLN A 278 2.21 21.62 -3.22
N LEU A 279 2.19 20.32 -3.44
CA LEU A 279 2.23 19.36 -2.35
C LEU A 279 3.65 19.23 -1.85
N THR A 280 3.83 19.24 -0.54
CA THR A 280 5.15 19.14 0.06
C THR A 280 5.43 17.82 0.73
N ARG A 281 4.41 17.08 1.14
CA ARG A 281 4.61 15.80 1.82
C ARG A 281 3.33 15.01 1.74
N VAL A 282 3.45 13.71 1.56
CA VAL A 282 2.31 12.79 1.61
C VAL A 282 2.73 11.69 2.55
N GLU A 283 2.06 11.57 3.70
CA GLU A 283 2.44 10.63 4.73
C GLU A 283 1.36 9.59 4.88
N VAL A 284 1.77 8.33 5.05
CA VAL A 284 0.86 7.23 5.31
C VAL A 284 1.44 6.40 6.43
N SER A 285 0.61 6.03 7.39
CA SER A 285 1.08 5.25 8.54
C SER A 285 0.12 4.10 8.83
N GLY A 286 0.62 3.14 9.58
CA GLY A 286 -0.21 2.03 10.01
C GLY A 286 0.51 1.17 11.02
N ASN A 287 -0.27 0.34 11.70
CA ASN A 287 0.28 -0.69 12.56
C ASN A 287 0.77 -1.85 11.70
N GLY A 288 1.60 -2.71 12.30
CA GLY A 288 1.93 -3.98 11.70
C GLY A 288 2.19 -4.98 12.82
N VAL A 289 2.00 -6.26 12.49
CA VAL A 289 2.13 -7.33 13.48
C VAL A 289 2.73 -8.56 12.80
N THR A 290 3.55 -9.31 13.53
CA THR A 290 4.12 -10.52 13.00
C THR A 290 3.10 -11.66 13.03
N PHE A 291 2.90 -12.29 11.88
CA PHE A 291 2.10 -13.50 11.79
C PHE A 291 2.94 -14.76 11.95
N GLY A 292 4.14 -14.76 11.38
CA GLY A 292 5.01 -15.91 11.48
C GLY A 292 6.43 -15.57 11.13
N ARG A 293 7.31 -16.52 11.39
CA ARG A 293 8.74 -16.37 11.16
C ARG A 293 9.28 -17.72 10.71
N GLY A 294 10.25 -17.71 9.81
CA GLY A 294 10.80 -18.97 9.40
C GLY A 294 12.13 -18.82 8.69
N THR A 295 12.55 -19.92 8.09
CA THR A 295 13.82 -20.00 7.38
CA THR A 295 13.80 -19.98 7.36
C THR A 295 13.59 -20.81 6.11
N ILE A 296 14.19 -20.36 5.01
CA ILE A 296 14.15 -21.08 3.75
C ILE A 296 15.53 -21.69 3.47
N VAL A 297 15.53 -22.73 2.65
CA VAL A 297 16.71 -23.58 2.50
C VAL A 297 17.68 -23.07 1.45
N LEU A 298 17.41 -21.91 0.88
CA LEU A 298 18.34 -21.34 -0.09
C LEU A 298 18.42 -19.83 0.08
#